data_1A1P
#
_entry.id   1A1P
#
_cell.length_a   1.000
_cell.length_b   1.000
_cell.length_c   1.000
_cell.angle_alpha   90.00
_cell.angle_beta   90.00
_cell.angle_gamma   90.00
#
_symmetry.space_group_name_H-M   'P 1'
#
_entity_poly.entity_id   1
_entity_poly.type   'polypeptide(L)'
_entity_poly.pdbx_seq_one_letter_code
;ICVVQDWGHHRCT(NH2)
;
_entity_poly.pdbx_strand_id   A
#
# COMPACT_ATOMS: atom_id res chain seq x y z
N ILE A 1 -3.29 -0.31 8.94
CA ILE A 1 -2.91 -1.41 8.01
C ILE A 1 -3.23 -1.02 6.56
N CYS A 2 -2.41 -1.44 5.64
CA CYS A 2 -2.66 -1.10 4.22
C CYS A 2 -1.71 -1.90 3.32
N VAL A 3 -2.25 -2.80 2.53
CA VAL A 3 -1.38 -3.61 1.62
C VAL A 3 -2.07 -3.83 0.28
N VAL A 4 -3.14 -3.15 0.08
CA VAL A 4 -3.88 -3.30 -1.21
C VAL A 4 -3.04 -2.75 -2.37
N GLN A 5 -3.40 -3.09 -3.56
CA GLN A 5 -2.63 -2.61 -4.74
C GLN A 5 -1.14 -2.84 -4.52
N ASP A 6 -0.65 -3.92 -5.02
CA ASP A 6 0.79 -4.26 -4.86
C ASP A 6 1.65 -3.43 -5.82
N TRP A 7 1.18 -3.25 -7.01
CA TRP A 7 1.97 -2.46 -8.01
C TRP A 7 1.80 -0.97 -7.75
N GLY A 8 0.83 -0.60 -6.96
CA GLY A 8 0.60 0.83 -6.67
C GLY A 8 0.31 1.04 -5.19
N HIS A 9 1.34 1.11 -4.39
CA HIS A 9 1.14 1.33 -2.94
C HIS A 9 0.95 2.82 -2.67
N HIS A 10 0.84 3.20 -1.42
CA HIS A 10 0.65 4.65 -1.11
C HIS A 10 1.72 5.12 -0.11
N ARG A 11 1.52 4.90 1.16
CA ARG A 11 2.54 5.34 2.16
C ARG A 11 2.10 4.92 3.57
N CYS A 12 2.22 3.66 3.88
CA CYS A 12 1.81 3.20 5.24
C CYS A 12 2.79 3.74 6.29
N THR A 13 3.36 2.88 7.10
CA THR A 13 4.30 3.37 8.14
C THR A 13 5.71 2.84 7.86
N ILE A 1 -2.47 -1.15 8.54
CA ILE A 1 -3.14 -2.31 7.88
C ILE A 1 -3.57 -1.92 6.46
N CYS A 2 -2.64 -1.85 5.55
CA CYS A 2 -2.99 -1.48 4.15
C CYS A 2 -1.99 -2.09 3.18
N VAL A 3 -2.41 -3.06 2.42
CA VAL A 3 -1.50 -3.70 1.43
C VAL A 3 -2.18 -3.80 0.08
N VAL A 4 -3.30 -3.17 -0.05
CA VAL A 4 -4.04 -3.21 -1.34
C VAL A 4 -3.14 -2.74 -2.47
N GLN A 5 -3.59 -2.91 -3.69
CA GLN A 5 -2.76 -2.49 -4.84
C GLN A 5 -1.35 -3.03 -4.68
N ASP A 6 -1.07 -4.14 -5.30
CA ASP A 6 0.28 -4.74 -5.21
C ASP A 6 1.31 -3.83 -5.89
N TRP A 7 0.86 -3.00 -6.78
CA TRP A 7 1.80 -2.08 -7.49
C TRP A 7 1.52 -0.63 -7.07
N GLY A 8 0.35 -0.39 -6.54
CA GLY A 8 0.01 0.99 -6.12
C GLY A 8 0.37 1.19 -4.64
N HIS A 9 1.61 1.00 -4.29
CA HIS A 9 2.02 1.16 -2.86
C HIS A 9 2.21 2.65 -2.53
N HIS A 10 1.58 3.12 -1.49
CA HIS A 10 1.73 4.56 -1.11
C HIS A 10 2.72 4.71 0.04
N ARG A 11 2.23 4.71 1.26
CA ARG A 11 3.14 4.86 2.43
C ARG A 11 2.34 4.81 3.72
N CYS A 12 2.02 3.64 4.20
CA CYS A 12 1.23 3.53 5.46
C CYS A 12 2.08 3.97 6.66
N THR A 13 3.37 4.00 6.49
CA THR A 13 4.26 4.42 7.61
C THR A 13 5.43 5.24 7.08
N ILE A 1 -0.92 -2.91 7.81
CA ILE A 1 -2.41 -2.90 7.82
C ILE A 1 -2.94 -2.48 6.45
N CYS A 2 -2.27 -1.56 5.80
CA CYS A 2 -2.73 -1.14 4.44
C CYS A 2 -1.81 -1.72 3.37
N VAL A 3 -2.35 -2.57 2.55
CA VAL A 3 -1.52 -3.20 1.47
C VAL A 3 -2.17 -2.96 0.10
N VAL A 4 -3.14 -2.10 0.08
CA VAL A 4 -3.85 -1.78 -1.20
C VAL A 4 -2.89 -1.83 -2.37
N GLN A 5 -3.39 -2.15 -3.53
CA GLN A 5 -2.51 -2.26 -4.74
C GLN A 5 -1.22 -2.97 -4.37
N ASP A 6 -1.17 -4.23 -4.64
CA ASP A 6 0.04 -5.04 -4.32
C ASP A 6 1.30 -4.25 -4.69
N TRP A 7 1.19 -3.39 -5.65
CA TRP A 7 2.35 -2.56 -6.07
C TRP A 7 2.02 -1.08 -5.95
N GLY A 8 0.77 -0.77 -5.78
CA GLY A 8 0.36 0.66 -5.66
C GLY A 8 0.61 1.16 -4.24
N HIS A 9 1.82 1.06 -3.77
CA HIS A 9 2.12 1.54 -2.39
C HIS A 9 2.29 3.06 -2.40
N HIS A 10 1.24 3.78 -2.11
CA HIS A 10 1.31 5.28 -2.13
C HIS A 10 1.70 5.85 -0.77
N ARG A 11 0.94 5.58 0.25
CA ARG A 11 1.26 6.14 1.59
C ARG A 11 0.93 5.15 2.71
N CYS A 12 1.86 4.27 2.99
CA CYS A 12 1.65 3.26 4.07
C CYS A 12 2.87 3.21 4.99
N THR A 13 2.71 2.76 6.20
CA THR A 13 3.87 2.70 7.13
C THR A 13 4.38 1.26 7.22
N ILE A 1 -2.31 -2.80 7.99
CA ILE A 1 -3.71 -2.54 7.52
C ILE A 1 -3.70 -2.19 6.03
N CYS A 2 -2.68 -1.49 5.58
CA CYS A 2 -2.62 -1.13 4.13
C CYS A 2 -1.85 -2.19 3.35
N VAL A 3 -2.51 -2.90 2.49
CA VAL A 3 -1.82 -3.96 1.70
C VAL A 3 -2.45 -4.09 0.32
N VAL A 4 -3.28 -3.16 -0.02
CA VAL A 4 -3.95 -3.20 -1.35
C VAL A 4 -3.00 -2.64 -2.40
N GLN A 5 -3.45 -2.55 -3.61
CA GLN A 5 -2.59 -2.02 -4.69
C GLN A 5 -1.16 -2.55 -4.52
N ASP A 6 -1.05 -3.82 -4.28
CA ASP A 6 0.29 -4.44 -4.08
C ASP A 6 1.31 -3.86 -5.07
N TRP A 7 0.85 -3.39 -6.19
CA TRP A 7 1.79 -2.83 -7.20
C TRP A 7 1.76 -1.30 -7.17
N GLY A 8 0.79 -0.75 -6.48
CA GLY A 8 0.68 0.72 -6.42
C GLY A 8 0.60 1.18 -4.96
N HIS A 9 1.72 1.22 -4.28
CA HIS A 9 1.71 1.66 -2.85
C HIS A 9 1.60 3.19 -2.76
N HIS A 10 1.16 3.69 -1.63
CA HIS A 10 1.02 5.17 -1.48
C HIS A 10 1.95 5.66 -0.36
N ARG A 11 1.65 5.33 0.86
CA ARG A 11 2.50 5.77 2.00
C ARG A 11 1.94 5.23 3.32
N CYS A 12 2.37 4.06 3.71
CA CYS A 12 1.87 3.47 4.99
C CYS A 12 2.66 4.02 6.18
N THR A 13 3.72 3.34 6.55
CA THR A 13 4.54 3.81 7.70
C THR A 13 5.93 3.17 7.64
N ILE A 1 -2.10 -2.79 8.43
CA ILE A 1 -3.28 -3.50 7.86
C ILE A 1 -3.54 -3.03 6.43
N CYS A 2 -2.85 -2.01 5.99
CA CYS A 2 -3.07 -1.52 4.59
C CYS A 2 -2.22 -2.34 3.61
N VAL A 3 -2.82 -2.88 2.59
CA VAL A 3 -2.05 -3.69 1.61
C VAL A 3 -2.67 -3.59 0.23
N VAL A 4 -3.53 -2.65 0.06
CA VAL A 4 -4.20 -2.48 -1.27
C VAL A 4 -3.16 -2.24 -2.35
N GLN A 5 -3.51 -2.57 -3.56
CA GLN A 5 -2.54 -2.38 -4.69
C GLN A 5 -1.19 -2.97 -4.32
N ASP A 6 -0.96 -4.18 -4.71
CA ASP A 6 0.35 -4.84 -4.41
C ASP A 6 1.49 -4.05 -5.05
N TRP A 7 1.18 -3.28 -6.04
CA TRP A 7 2.23 -2.49 -6.73
C TRP A 7 1.95 -1.00 -6.62
N GLY A 8 0.75 -0.65 -6.24
CA GLY A 8 0.37 0.77 -6.11
C GLY A 8 0.61 1.23 -4.67
N HIS A 9 1.84 1.25 -4.24
CA HIS A 9 2.15 1.69 -2.84
C HIS A 9 2.13 3.22 -2.74
N HIS A 10 1.38 3.75 -1.83
CA HIS A 10 1.32 5.23 -1.68
C HIS A 10 2.25 5.70 -0.55
N ARG A 11 1.86 5.50 0.68
CA ARG A 11 2.73 5.94 1.81
C ARG A 11 2.10 5.57 3.16
N CYS A 12 1.99 4.30 3.45
CA CYS A 12 1.40 3.88 4.76
C CYS A 12 2.39 4.13 5.90
N THR A 13 3.38 3.28 6.03
CA THR A 13 4.38 3.47 7.12
C THR A 13 5.77 3.08 6.61
N ILE A 1 -2.87 0.17 8.24
CA ILE A 1 -2.20 -0.92 7.48
C ILE A 1 -2.87 -1.09 6.11
N CYS A 2 -2.08 -1.26 5.08
CA CYS A 2 -2.66 -1.42 3.71
C CYS A 2 -1.90 -2.50 2.93
N VAL A 3 -2.55 -3.58 2.61
CA VAL A 3 -1.86 -4.66 1.85
C VAL A 3 -2.40 -4.75 0.43
N VAL A 4 -3.19 -3.80 0.05
CA VAL A 4 -3.77 -3.79 -1.32
C VAL A 4 -2.96 -2.87 -2.22
N GLN A 5 -3.23 -2.89 -3.49
CA GLN A 5 -2.49 -1.99 -4.43
C GLN A 5 -1.02 -2.41 -4.45
N ASP A 6 -0.77 -3.68 -4.35
CA ASP A 6 0.62 -4.20 -4.37
C ASP A 6 1.43 -3.49 -5.47
N TRP A 7 0.78 -3.10 -6.52
CA TRP A 7 1.49 -2.40 -7.64
C TRP A 7 1.38 -0.89 -7.46
N GLY A 8 0.50 -0.47 -6.61
CA GLY A 8 0.33 0.99 -6.38
C GLY A 8 0.47 1.28 -4.89
N HIS A 9 1.67 1.30 -4.39
CA HIS A 9 1.87 1.56 -2.94
C HIS A 9 1.70 3.05 -2.63
N HIS A 10 1.59 3.38 -1.37
CA HIS A 10 1.41 4.79 -0.97
C HIS A 10 2.35 5.12 0.18
N ARG A 11 1.89 4.99 1.40
CA ARG A 11 2.77 5.28 2.56
C ARG A 11 2.04 4.98 3.87
N CYS A 12 1.54 3.78 4.01
CA CYS A 12 0.82 3.42 5.26
C CYS A 12 1.83 3.09 6.37
N THR A 13 3.09 3.26 6.11
CA THR A 13 4.12 2.95 7.14
C THR A 13 5.45 3.63 6.78
N ILE A 1 -2.30 -2.19 8.22
CA ILE A 1 -3.42 -2.91 7.56
C ILE A 1 -3.54 -2.48 6.10
N CYS A 2 -3.10 -1.29 5.78
CA CYS A 2 -3.18 -0.82 4.37
C CYS A 2 -2.18 -1.58 3.50
N VAL A 3 -2.66 -2.42 2.62
CA VAL A 3 -1.75 -3.20 1.74
C VAL A 3 -2.33 -3.35 0.35
N VAL A 4 -3.35 -2.62 0.08
CA VAL A 4 -4.00 -2.70 -1.26
C VAL A 4 -2.99 -2.40 -2.37
N GLN A 5 -3.34 -2.71 -3.58
CA GLN A 5 -2.41 -2.46 -4.73
C GLN A 5 -0.99 -2.89 -4.35
N ASP A 6 -0.62 -4.05 -4.74
CA ASP A 6 0.74 -4.57 -4.42
C ASP A 6 1.80 -3.72 -5.14
N TRP A 7 1.56 -3.39 -6.37
CA TRP A 7 2.54 -2.55 -7.12
C TRP A 7 2.17 -1.08 -7.00
N GLY A 8 0.98 -0.81 -6.59
CA GLY A 8 0.54 0.61 -6.44
C GLY A 8 0.28 0.92 -4.96
N HIS A 9 1.32 1.00 -4.19
CA HIS A 9 1.15 1.31 -2.73
C HIS A 9 0.91 2.82 -2.54
N HIS A 10 0.80 3.27 -1.32
CA HIS A 10 0.57 4.72 -1.08
C HIS A 10 1.65 5.29 -0.15
N ARG A 11 1.35 5.45 1.11
CA ARG A 11 2.37 6.00 2.04
C ARG A 11 2.06 5.57 3.48
N CYS A 12 2.05 4.29 3.73
CA CYS A 12 1.76 3.80 5.11
C CYS A 12 3.00 3.95 5.99
N THR A 13 3.78 2.91 6.14
CA THR A 13 4.99 3.00 6.99
C THR A 13 6.12 2.11 6.44
N ILE A 1 -1.72 -0.98 8.19
CA ILE A 1 -2.38 -2.26 7.81
C ILE A 1 -2.79 -2.22 6.33
N CYS A 2 -2.78 -1.05 5.74
CA CYS A 2 -3.19 -0.96 4.31
C CYS A 2 -2.17 -1.66 3.40
N VAL A 3 -2.56 -2.75 2.80
CA VAL A 3 -1.62 -3.48 1.90
C VAL A 3 -2.21 -3.55 0.50
N VAL A 4 -3.24 -2.80 0.28
CA VAL A 4 -3.90 -2.78 -1.06
C VAL A 4 -2.89 -2.43 -2.16
N GLN A 5 -3.30 -2.56 -3.38
CA GLN A 5 -2.38 -2.25 -4.51
C GLN A 5 -0.98 -2.79 -4.23
N ASP A 6 -0.72 -3.96 -4.70
CA ASP A 6 0.62 -4.59 -4.49
C ASP A 6 1.63 -3.95 -5.44
N TRP A 7 1.15 -3.32 -6.46
CA TRP A 7 2.06 -2.67 -7.45
C TRP A 7 1.90 -1.15 -7.37
N GLY A 8 0.87 -0.70 -6.71
CA GLY A 8 0.64 0.75 -6.60
C GLY A 8 0.52 1.14 -5.11
N HIS A 9 1.63 1.23 -4.44
CA HIS A 9 1.58 1.60 -2.99
C HIS A 9 1.33 3.10 -2.84
N HIS A 10 1.35 3.59 -1.62
CA HIS A 10 1.13 5.05 -1.41
C HIS A 10 1.89 5.51 -0.17
N ARG A 11 1.40 5.18 0.99
CA ARG A 11 2.09 5.57 2.24
C ARG A 11 1.42 4.92 3.45
N CYS A 12 1.83 3.73 3.80
CA CYS A 12 1.21 3.04 4.96
C CYS A 12 2.12 3.12 6.19
N THR A 13 3.22 2.41 6.17
CA THR A 13 4.15 2.45 7.34
C THR A 13 5.39 3.29 7.00
N ILE A 1 -2.42 -0.33 8.95
CA ILE A 1 -2.43 -1.57 8.12
C ILE A 1 -2.86 -1.26 6.68
N CYS A 2 -2.21 -1.84 5.71
CA CYS A 2 -2.58 -1.57 4.29
C CYS A 2 -1.86 -2.54 3.35
N VAL A 3 -2.59 -3.34 2.63
CA VAL A 3 -1.96 -4.31 1.69
C VAL A 3 -2.58 -4.20 0.30
N VAL A 4 -3.30 -3.14 0.09
CA VAL A 4 -3.97 -2.94 -1.23
C VAL A 4 -2.94 -2.57 -2.30
N GLN A 5 -3.35 -2.57 -3.53
CA GLN A 5 -2.42 -2.23 -4.65
C GLN A 5 -1.04 -2.81 -4.39
N ASP A 6 -0.82 -3.99 -4.82
CA ASP A 6 0.50 -4.65 -4.61
C ASP A 6 1.57 -3.99 -5.50
N TRP A 7 1.15 -3.28 -6.50
CA TRP A 7 2.12 -2.61 -7.41
C TRP A 7 1.92 -1.09 -7.37
N GLY A 8 0.86 -0.65 -6.78
CA GLY A 8 0.58 0.80 -6.70
C GLY A 8 0.53 1.22 -5.23
N HIS A 9 1.67 1.44 -4.64
CA HIS A 9 1.71 1.82 -3.21
C HIS A 9 1.35 3.30 -3.02
N HIS A 10 0.97 3.67 -1.82
CA HIS A 10 0.61 5.10 -1.55
C HIS A 10 1.51 5.67 -0.45
N ARG A 11 1.26 5.32 0.78
CA ARG A 11 2.09 5.82 1.90
C ARG A 11 1.61 5.17 3.20
N CYS A 12 2.43 4.32 3.76
CA CYS A 12 2.04 3.61 5.01
C CYS A 12 3.19 3.65 6.02
N THR A 13 3.06 2.94 7.12
CA THR A 13 4.14 2.95 8.15
C THR A 13 4.79 1.56 8.24
N ILE A 1 -1.80 -0.17 8.37
CA ILE A 1 -2.17 -1.57 7.99
C ILE A 1 -2.93 -1.57 6.66
N CYS A 2 -2.22 -1.71 5.58
CA CYS A 2 -2.89 -1.73 4.23
C CYS A 2 -2.06 -2.53 3.24
N VAL A 3 -2.64 -3.51 2.61
CA VAL A 3 -1.89 -4.33 1.63
C VAL A 3 -2.51 -4.20 0.24
N VAL A 4 -3.41 -3.30 0.10
CA VAL A 4 -4.10 -3.11 -1.22
C VAL A 4 -3.08 -2.61 -2.27
N GLN A 5 -3.49 -2.59 -3.50
CA GLN A 5 -2.59 -2.13 -4.59
C GLN A 5 -1.21 -2.78 -4.46
N ASP A 6 -1.04 -3.89 -5.11
CA ASP A 6 0.27 -4.59 -5.08
C ASP A 6 1.26 -3.85 -5.98
N TRP A 7 0.76 -3.00 -6.82
CA TRP A 7 1.64 -2.23 -7.75
C TRP A 7 1.53 -0.74 -7.44
N GLY A 8 0.54 -0.38 -6.68
CA GLY A 8 0.35 1.05 -6.34
C GLY A 8 0.68 1.25 -4.86
N HIS A 9 1.94 1.21 -4.52
CA HIS A 9 2.34 1.38 -3.09
C HIS A 9 2.30 2.86 -2.70
N HIS A 10 1.73 3.15 -1.56
CA HIS A 10 1.67 4.56 -1.11
C HIS A 10 2.55 4.74 0.14
N ARG A 11 1.95 4.94 1.29
CA ARG A 11 2.78 5.09 2.53
C ARG A 11 1.96 4.65 3.75
N CYS A 12 1.87 3.37 3.98
CA CYS A 12 1.09 2.87 5.16
C CYS A 12 1.80 3.23 6.45
N THR A 13 3.02 3.69 6.37
CA THR A 13 3.77 4.04 7.61
C THR A 13 4.57 5.33 7.38
N ILE A 1 -2.37 -3.13 8.09
CA ILE A 1 -3.71 -2.51 7.87
C ILE A 1 -3.84 -2.07 6.40
N CYS A 2 -2.76 -1.71 5.78
CA CYS A 2 -2.82 -1.29 4.35
C CYS A 2 -2.00 -2.23 3.48
N VAL A 3 -2.66 -3.03 2.69
CA VAL A 3 -1.93 -3.98 1.79
C VAL A 3 -2.56 -3.98 0.40
N VAL A 4 -3.51 -3.13 0.21
CA VAL A 4 -4.18 -3.06 -1.12
C VAL A 4 -3.20 -2.60 -2.19
N GLN A 5 -3.48 -2.91 -3.41
CA GLN A 5 -2.59 -2.51 -4.53
C GLN A 5 -1.15 -2.95 -4.24
N ASP A 6 -0.77 -4.05 -4.79
CA ASP A 6 0.63 -4.56 -4.58
C ASP A 6 1.61 -3.77 -5.45
N TRP A 7 1.10 -3.15 -6.48
CA TRP A 7 1.98 -2.35 -7.38
C TRP A 7 1.65 -0.87 -7.23
N GLY A 8 0.52 -0.57 -6.66
CA GLY A 8 0.12 0.85 -6.48
C GLY A 8 0.25 1.23 -5.01
N HIS A 9 1.46 1.30 -4.51
CA HIS A 9 1.66 1.66 -3.07
C HIS A 9 1.87 3.16 -2.91
N HIS A 10 1.44 3.71 -1.81
CA HIS A 10 1.61 5.18 -1.59
C HIS A 10 2.61 5.42 -0.45
N ARG A 11 2.18 5.24 0.76
CA ARG A 11 3.09 5.47 1.93
C ARG A 11 2.36 5.16 3.24
N CYS A 12 2.40 3.95 3.70
CA CYS A 12 1.72 3.61 4.97
C CYS A 12 2.49 4.20 6.15
N THR A 13 3.35 3.43 6.75
CA THR A 13 4.14 3.97 7.90
C THR A 13 5.63 3.71 7.66
N ILE A 1 -2.91 -1.89 8.17
CA ILE A 1 -3.79 -2.74 7.32
C ILE A 1 -3.82 -2.20 5.89
N CYS A 2 -3.47 -0.95 5.70
CA CYS A 2 -3.49 -0.39 4.32
C CYS A 2 -2.30 -0.92 3.52
N VAL A 3 -2.55 -1.83 2.63
CA VAL A 3 -1.43 -2.40 1.82
C VAL A 3 -1.96 -2.96 0.50
N VAL A 4 -3.14 -2.60 0.15
CA VAL A 4 -3.72 -3.10 -1.12
C VAL A 4 -2.81 -2.72 -2.29
N GLN A 5 -3.10 -3.20 -3.46
CA GLN A 5 -2.25 -2.89 -4.64
C GLN A 5 -0.79 -3.21 -4.32
N ASP A 6 -0.36 -4.37 -4.69
CA ASP A 6 1.05 -4.78 -4.42
C ASP A 6 2.00 -3.85 -5.14
N TRP A 7 1.52 -3.18 -6.16
CA TRP A 7 2.38 -2.23 -6.93
C TRP A 7 1.89 -0.81 -6.72
N GLY A 8 0.73 -0.67 -6.16
CA GLY A 8 0.17 0.69 -5.94
C GLY A 8 0.30 1.06 -4.46
N HIS A 9 1.48 1.31 -4.02
CA HIS A 9 1.70 1.67 -2.59
C HIS A 9 1.33 3.14 -2.35
N HIS A 10 0.69 3.43 -1.24
CA HIS A 10 0.29 4.84 -0.94
C HIS A 10 1.31 5.48 0.01
N ARG A 11 1.20 5.20 1.28
CA ARG A 11 2.16 5.78 2.26
C ARG A 11 1.95 5.16 3.64
N CYS A 12 1.91 3.86 3.72
CA CYS A 12 1.72 3.20 5.04
C CYS A 12 3.07 2.97 5.72
N THR A 13 3.90 2.16 5.13
CA THR A 13 5.24 1.88 5.74
C THR A 13 6.26 2.92 5.26
N ILE A 1 -1.01 -1.09 8.18
CA ILE A 1 -2.05 -2.15 8.07
C ILE A 1 -2.73 -2.10 6.69
N CYS A 2 -2.32 -1.18 5.86
CA CYS A 2 -2.94 -1.08 4.50
C CYS A 2 -1.88 -1.35 3.42
N VAL A 3 -2.05 -2.41 2.67
CA VAL A 3 -1.07 -2.75 1.61
C VAL A 3 -1.78 -2.85 0.26
N VAL A 4 -2.97 -2.36 0.20
CA VAL A 4 -3.75 -2.41 -1.07
C VAL A 4 -2.85 -2.12 -2.27
N GLN A 5 -3.30 -2.46 -3.43
CA GLN A 5 -2.47 -2.24 -4.65
C GLN A 5 -1.15 -2.99 -4.52
N ASP A 6 -1.04 -4.09 -5.20
CA ASP A 6 0.20 -4.91 -5.13
C ASP A 6 1.34 -4.24 -5.92
N TRP A 7 0.99 -3.40 -6.85
CA TRP A 7 2.04 -2.74 -7.67
C TRP A 7 2.04 -1.23 -7.44
N GLY A 8 0.99 -0.72 -6.84
CA GLY A 8 0.93 0.75 -6.61
C GLY A 8 0.57 1.04 -5.15
N HIS A 9 1.50 0.87 -4.26
CA HIS A 9 1.21 1.16 -2.83
C HIS A 9 1.27 2.66 -2.58
N HIS A 10 0.81 3.12 -1.45
CA HIS A 10 0.85 4.59 -1.17
C HIS A 10 1.93 4.91 -0.14
N ARG A 11 1.58 4.89 1.12
CA ARG A 11 2.59 5.20 2.18
C ARG A 11 1.95 5.10 3.56
N CYS A 12 1.47 3.93 3.91
CA CYS A 12 0.82 3.77 5.25
C CYS A 12 1.88 3.78 6.36
N THR A 13 2.41 2.64 6.69
CA THR A 13 3.44 2.57 7.77
C THR A 13 4.85 2.78 7.18
N ILE A 1 -0.92 -1.65 7.80
CA ILE A 1 -2.05 -2.62 7.71
C ILE A 1 -2.70 -2.54 6.33
N CYS A 2 -2.27 -1.64 5.49
CA CYS A 2 -2.88 -1.53 4.14
C CYS A 2 -2.11 -2.41 3.15
N VAL A 3 -2.82 -3.19 2.38
CA VAL A 3 -2.15 -4.07 1.39
C VAL A 3 -2.75 -3.87 0.00
N VAL A 4 -3.51 -2.83 -0.14
CA VAL A 4 -4.18 -2.53 -1.45
C VAL A 4 -3.14 -2.35 -2.56
N GLN A 5 -3.60 -2.29 -3.77
CA GLN A 5 -2.68 -2.11 -4.94
C GLN A 5 -1.38 -2.88 -4.73
N ASP A 6 -1.37 -4.09 -5.18
CA ASP A 6 -0.13 -4.93 -5.05
C ASP A 6 1.10 -4.13 -5.44
N TRP A 7 0.98 -3.34 -6.46
CA TRP A 7 2.15 -2.53 -6.94
C TRP A 7 1.88 -1.05 -6.73
N GLY A 8 0.67 -0.69 -6.43
CA GLY A 8 0.35 0.74 -6.24
C GLY A 8 0.44 1.09 -4.76
N HIS A 9 1.62 0.99 -4.19
CA HIS A 9 1.79 1.31 -2.74
C HIS A 9 1.83 2.83 -2.55
N HIS A 10 1.66 3.30 -1.35
CA HIS A 10 1.68 4.77 -1.12
C HIS A 10 2.60 5.14 0.04
N ARG A 11 2.13 5.04 1.25
CA ARG A 11 3.00 5.41 2.42
C ARG A 11 2.33 5.03 3.76
N CYS A 12 1.79 3.85 3.85
CA CYS A 12 1.15 3.42 5.13
C CYS A 12 2.21 3.26 6.23
N THR A 13 2.98 4.27 6.50
CA THR A 13 4.02 4.15 7.57
C THR A 13 4.57 5.54 7.91
N ILE A 1 -1.86 -3.36 8.00
CA ILE A 1 -3.17 -2.63 7.95
C ILE A 1 -3.44 -2.13 6.53
N CYS A 2 -2.40 -1.84 5.78
CA CYS A 2 -2.60 -1.36 4.40
C CYS A 2 -1.90 -2.28 3.40
N VAL A 3 -2.64 -2.90 2.52
CA VAL A 3 -2.02 -3.83 1.53
C VAL A 3 -2.67 -3.65 0.16
N VAL A 4 -3.44 -2.63 0.01
CA VAL A 4 -4.11 -2.36 -1.29
C VAL A 4 -3.09 -2.12 -2.39
N GLN A 5 -3.52 -2.08 -3.61
CA GLN A 5 -2.58 -1.85 -4.73
C GLN A 5 -1.33 -2.69 -4.54
N ASP A 6 -1.32 -3.83 -5.12
CA ASP A 6 -0.15 -4.76 -5.00
C ASP A 6 1.02 -4.27 -5.85
N TRP A 7 0.74 -3.50 -6.85
CA TRP A 7 1.83 -3.00 -7.74
C TRP A 7 2.12 -1.52 -7.47
N GLY A 8 1.32 -0.90 -6.67
CA GLY A 8 1.53 0.54 -6.40
C GLY A 8 1.09 0.90 -4.98
N HIS A 9 2.01 0.87 -4.06
CA HIS A 9 1.67 1.22 -2.65
C HIS A 9 1.59 2.74 -2.50
N HIS A 10 1.05 3.22 -1.41
CA HIS A 10 0.94 4.69 -1.22
C HIS A 10 1.89 5.17 -0.12
N ARG A 11 1.42 5.31 1.09
CA ARG A 11 2.31 5.76 2.20
C ARG A 11 1.72 5.34 3.56
N CYS A 12 2.14 4.20 4.05
CA CYS A 12 1.62 3.71 5.35
C CYS A 12 2.44 4.29 6.50
N THR A 13 3.65 3.84 6.66
CA THR A 13 4.50 4.35 7.77
C THR A 13 5.98 4.18 7.42
N ILE A 1 -3.67 -1.30 8.90
CA ILE A 1 -3.48 -2.42 7.92
C ILE A 1 -3.63 -1.92 6.48
N CYS A 2 -2.59 -1.39 5.91
CA CYS A 2 -2.68 -0.88 4.51
C CYS A 2 -1.77 -1.69 3.58
N VAL A 3 -2.34 -2.36 2.61
CA VAL A 3 -1.50 -3.16 1.67
C VAL A 3 -2.13 -3.20 0.29
N VAL A 4 -3.08 -2.35 0.06
CA VAL A 4 -3.75 -2.33 -1.27
C VAL A 4 -2.72 -2.21 -2.38
N GLN A 5 -3.11 -2.55 -3.58
CA GLN A 5 -2.17 -2.46 -4.74
C GLN A 5 -0.80 -2.98 -4.33
N ASP A 6 -0.54 -4.20 -4.63
CA ASP A 6 0.79 -4.80 -4.29
C ASP A 6 1.91 -3.97 -4.91
N TRP A 7 1.65 -3.31 -6.00
CA TRP A 7 2.69 -2.49 -6.65
C TRP A 7 2.30 -1.01 -6.64
N GLY A 8 1.07 -0.72 -6.34
CA GLY A 8 0.62 0.69 -6.34
C GLY A 8 0.24 1.13 -4.92
N HIS A 9 1.20 1.27 -4.05
CA HIS A 9 0.88 1.70 -2.65
C HIS A 9 0.68 3.22 -2.63
N HIS A 10 0.15 3.74 -1.55
CA HIS A 10 -0.06 5.22 -1.47
C HIS A 10 0.81 5.84 -0.39
N ARG A 11 0.89 5.21 0.75
CA ARG A 11 1.73 5.76 1.85
C ARG A 11 1.67 4.84 3.07
N CYS A 12 2.40 3.76 3.05
CA CYS A 12 2.40 2.83 4.22
C CYS A 12 3.76 2.86 4.92
N THR A 13 3.78 2.62 6.20
CA THR A 13 5.08 2.62 6.94
C THR A 13 5.63 1.20 7.05
N ILE A 1 -2.37 -1.98 8.53
CA ILE A 1 -3.41 -2.82 7.88
C ILE A 1 -3.55 -2.44 6.40
N CYS A 2 -2.91 -1.37 6.00
CA CYS A 2 -3.01 -0.93 4.58
C CYS A 2 -2.00 -1.67 3.69
N VAL A 3 -2.48 -2.45 2.77
CA VAL A 3 -1.54 -3.18 1.87
C VAL A 3 -2.17 -3.39 0.49
N VAL A 4 -3.27 -2.74 0.24
CA VAL A 4 -3.94 -2.90 -1.08
C VAL A 4 -2.97 -2.52 -2.21
N GLN A 5 -3.35 -2.78 -3.42
CA GLN A 5 -2.46 -2.45 -4.58
C GLN A 5 -1.05 -2.96 -4.30
N ASP A 6 -0.76 -4.10 -4.85
CA ASP A 6 0.60 -4.70 -4.64
C ASP A 6 1.64 -3.97 -5.48
N TRP A 7 1.21 -3.32 -6.53
CA TRP A 7 2.18 -2.59 -7.40
C TRP A 7 1.95 -1.08 -7.30
N GLY A 8 0.83 -0.69 -6.78
CA GLY A 8 0.53 0.76 -6.67
C GLY A 8 0.41 1.15 -5.20
N HIS A 9 1.51 1.21 -4.51
CA HIS A 9 1.48 1.57 -3.07
C HIS A 9 1.35 3.09 -2.92
N HIS A 10 1.21 3.57 -1.72
CA HIS A 10 1.07 5.04 -1.50
C HIS A 10 1.96 5.48 -0.33
N ARG A 11 1.47 5.42 0.87
CA ARG A 11 2.29 5.83 2.03
C ARG A 11 1.70 5.21 3.31
N CYS A 12 2.21 4.08 3.71
CA CYS A 12 1.67 3.41 4.94
C CYS A 12 2.57 3.70 6.15
N THR A 13 3.50 2.84 6.43
CA THR A 13 4.40 3.06 7.61
C THR A 13 5.80 2.50 7.32
N ILE A 1 -1.62 -1.97 7.97
CA ILE A 1 -2.91 -2.61 7.57
C ILE A 1 -3.18 -2.38 6.08
N CYS A 2 -2.84 -1.23 5.57
CA CYS A 2 -3.08 -0.95 4.12
C CYS A 2 -2.15 -1.80 3.27
N VAL A 3 -2.69 -2.79 2.60
CA VAL A 3 -1.84 -3.65 1.74
C VAL A 3 -2.46 -3.78 0.35
N VAL A 4 -3.48 -3.03 0.10
CA VAL A 4 -4.15 -3.08 -1.23
C VAL A 4 -3.16 -2.72 -2.32
N GLN A 5 -3.49 -3.01 -3.55
CA GLN A 5 -2.55 -2.71 -4.67
C GLN A 5 -1.14 -3.15 -4.30
N ASP A 6 -0.78 -4.32 -4.71
CA ASP A 6 0.58 -4.83 -4.40
C ASP A 6 1.64 -3.86 -4.92
N TRP A 7 1.26 -3.06 -5.87
CA TRP A 7 2.22 -2.07 -6.47
C TRP A 7 1.74 -0.65 -6.20
N GLY A 8 0.49 -0.50 -5.83
CA GLY A 8 -0.04 0.85 -5.55
C GLY A 8 0.41 1.32 -4.17
N HIS A 9 1.69 1.28 -3.91
CA HIS A 9 2.19 1.73 -2.58
C HIS A 9 2.42 3.24 -2.59
N HIS A 10 1.56 3.99 -1.95
CA HIS A 10 1.72 5.47 -1.95
C HIS A 10 2.13 5.98 -0.56
N ARG A 11 1.50 5.52 0.47
CA ARG A 11 1.86 6.01 1.82
C ARG A 11 1.25 5.10 2.89
N CYS A 12 2.04 4.23 3.45
CA CYS A 12 1.52 3.31 4.50
C CYS A 12 2.40 3.41 5.75
N THR A 13 3.35 2.54 5.90
CA THR A 13 4.23 2.60 7.10
C THR A 13 5.70 2.45 6.68
N ILE A 1 -2.20 -1.24 8.45
CA ILE A 1 -3.45 -2.00 8.14
C ILE A 1 -3.82 -1.79 6.67
N CYS A 2 -2.92 -1.28 5.88
CA CYS A 2 -3.21 -1.05 4.43
C CYS A 2 -2.10 -1.65 3.57
N VAL A 3 -2.41 -2.66 2.81
CA VAL A 3 -1.38 -3.29 1.93
C VAL A 3 -1.97 -3.53 0.55
N VAL A 4 -3.11 -2.98 0.30
CA VAL A 4 -3.76 -3.15 -1.03
C VAL A 4 -2.83 -2.66 -2.12
N GLN A 5 -3.17 -2.87 -3.35
CA GLN A 5 -2.29 -2.43 -4.47
C GLN A 5 -0.89 -2.98 -4.22
N ASP A 6 -0.60 -4.11 -4.78
CA ASP A 6 0.74 -4.73 -4.61
C ASP A 6 1.79 -3.96 -5.39
N TRP A 7 1.38 -3.23 -6.39
CA TRP A 7 2.36 -2.47 -7.23
C TRP A 7 2.08 -0.97 -7.14
N GLY A 8 0.94 -0.60 -6.63
CA GLY A 8 0.59 0.84 -6.55
C GLY A 8 0.32 1.24 -5.10
N HIS A 9 1.35 1.33 -4.31
CA HIS A 9 1.15 1.73 -2.89
C HIS A 9 1.10 3.25 -2.77
N HIS A 10 1.07 3.77 -1.57
CA HIS A 10 1.02 5.24 -1.39
C HIS A 10 1.91 5.66 -0.22
N ARG A 11 1.42 5.52 0.98
CA ARG A 11 2.25 5.91 2.16
C ARG A 11 1.68 5.27 3.44
N CYS A 12 1.91 4.01 3.63
CA CYS A 12 1.39 3.33 4.86
C CYS A 12 2.50 3.22 5.91
N THR A 13 3.31 2.21 5.82
CA THR A 13 4.42 2.05 6.82
C THR A 13 5.77 1.94 6.10
N ILE A 1 -0.66 -0.77 7.53
CA ILE A 1 -1.83 -1.69 7.57
C ILE A 1 -2.58 -1.63 6.23
N CYS A 2 -1.94 -1.15 5.20
CA CYS A 2 -2.61 -1.07 3.87
C CYS A 2 -1.80 -1.85 2.84
N VAL A 3 -2.31 -2.95 2.37
CA VAL A 3 -1.57 -3.76 1.35
C VAL A 3 -2.34 -3.78 0.03
N VAL A 4 -3.37 -3.01 -0.05
CA VAL A 4 -4.17 -2.98 -1.30
C VAL A 4 -3.26 -2.66 -2.48
N GLN A 5 -3.63 -3.15 -3.64
CA GLN A 5 -2.81 -2.89 -4.86
C GLN A 5 -1.32 -2.96 -4.51
N ASP A 6 -0.76 -4.12 -4.69
CA ASP A 6 0.68 -4.33 -4.38
C ASP A 6 1.56 -3.40 -5.25
N TRP A 7 1.25 -3.30 -6.50
CA TRP A 7 2.07 -2.42 -7.40
C TRP A 7 1.65 -0.97 -7.21
N GLY A 8 0.52 -0.75 -6.61
CA GLY A 8 0.03 0.64 -6.42
C GLY A 8 -0.03 0.97 -4.93
N HIS A 9 1.10 1.10 -4.30
CA HIS A 9 1.12 1.42 -2.84
C HIS A 9 1.28 2.94 -2.64
N HIS A 10 0.96 3.43 -1.48
CA HIS A 10 1.11 4.89 -1.23
C HIS A 10 2.27 5.15 -0.26
N ARG A 11 2.02 5.05 1.02
CA ARG A 11 3.10 5.28 2.01
C ARG A 11 2.53 5.12 3.43
N CYS A 12 2.13 3.93 3.79
CA CYS A 12 1.57 3.72 5.15
C CYS A 12 2.68 3.78 6.19
N THR A 13 2.36 3.46 7.42
CA THR A 13 3.39 3.49 8.49
C THR A 13 3.91 2.08 8.76
N ILE A 1 -1.87 -2.29 8.58
CA ILE A 1 -3.24 -2.82 8.30
C ILE A 1 -3.71 -2.33 6.92
N CYS A 2 -2.85 -1.67 6.19
CA CYS A 2 -3.23 -1.18 4.84
C CYS A 2 -2.11 -1.47 3.85
N VAL A 3 -2.39 -2.25 2.84
CA VAL A 3 -1.33 -2.58 1.84
C VAL A 3 -1.93 -2.76 0.46
N VAL A 4 -3.13 -2.29 0.29
CA VAL A 4 -3.81 -2.42 -1.03
C VAL A 4 -2.84 -2.09 -2.17
N GLN A 5 -3.24 -2.35 -3.37
CA GLN A 5 -2.36 -2.08 -4.54
C GLN A 5 -0.97 -2.67 -4.30
N ASP A 6 -0.75 -3.84 -4.80
CA ASP A 6 0.57 -4.50 -4.63
C ASP A 6 1.57 -3.95 -5.64
N TRP A 7 1.08 -3.38 -6.69
CA TRP A 7 1.96 -2.78 -7.74
C TRP A 7 2.01 -1.27 -7.56
N GLY A 8 1.13 -0.74 -6.77
CA GLY A 8 1.12 0.72 -6.56
C GLY A 8 0.85 1.04 -5.09
N HIS A 9 1.87 1.01 -4.28
CA HIS A 9 1.67 1.31 -2.82
C HIS A 9 1.59 2.82 -2.59
N HIS A 10 0.70 3.24 -1.73
CA HIS A 10 0.57 4.70 -1.46
C HIS A 10 1.61 5.15 -0.42
N ARG A 11 1.35 4.92 0.84
CA ARG A 11 2.33 5.33 1.89
C ARG A 11 1.78 5.01 3.28
N CYS A 12 1.70 3.76 3.62
CA CYS A 12 1.18 3.38 4.97
C CYS A 12 2.27 3.60 6.03
N THR A 13 3.20 2.70 6.13
CA THR A 13 4.29 2.85 7.14
C THR A 13 5.63 3.04 6.43
#